data_1EPB
#
_entry.id   1EPB
#
_cell.length_a   39.800
_cell.length_b   58.890
_cell.length_c   66.650
_cell.angle_alpha   90.00
_cell.angle_beta   109.44
_cell.angle_gamma   90.00
#
_symmetry.space_group_name_H-M   'P 1 21 1'
#
loop_
_entity.id
_entity.type
_entity.pdbx_description
1 polymer 'EPIDIDYMAL RETINOIC ACID-BINDING PROTEIN'
2 non-polymer '(9cis)-retinoic acid'
3 water water
#
_entity_poly.entity_id   1
_entity_poly.type   'polypeptide(L)'
_entity_poly.pdbx_seq_one_letter_code
;AVVKDFDISKFLGFWYEIAFASKMGTPGLAHKEEKMGAMVVELKENLLALTTTYYSEDHCVLEKVTATEGDGPAKFQVTR
LSGKKEVVVEATDYLTYAIIDITSLVAGAVHRTMKLYSRSLDDNGEALYNFRKITSDHGFSETDLYILKHDLTCVKVLQS
AAES
;
_entity_poly.pdbx_strand_id   A,B
#
# COMPACT_ATOMS: atom_id res chain seq x y z
N VAL A 3 8.64 21.02 -11.85
CA VAL A 3 9.44 21.80 -10.94
C VAL A 3 10.16 22.78 -11.88
N LYS A 4 10.17 24.12 -11.66
CA LYS A 4 10.87 25.05 -12.55
C LYS A 4 12.31 25.19 -12.10
N ASP A 5 12.48 25.56 -10.83
CA ASP A 5 13.81 25.72 -10.26
C ASP A 5 14.21 24.35 -9.70
N PHE A 6 15.11 23.70 -10.48
CA PHE A 6 15.60 22.33 -10.27
C PHE A 6 17.10 22.36 -10.31
N ASP A 7 17.72 21.51 -9.49
CA ASP A 7 19.17 21.45 -9.39
C ASP A 7 19.58 20.04 -8.99
N ILE A 8 20.15 19.36 -9.97
CA ILE A 8 20.46 17.95 -9.84
C ILE A 8 21.51 17.54 -8.80
N SER A 9 22.31 18.46 -8.28
CA SER A 9 23.28 18.18 -7.24
C SER A 9 22.65 17.62 -5.97
N LYS A 10 21.43 18.17 -5.80
CA LYS A 10 20.58 17.81 -4.69
C LYS A 10 19.95 16.42 -4.82
N PHE A 11 19.95 15.81 -6.01
CA PHE A 11 19.31 14.50 -6.24
C PHE A 11 20.24 13.33 -6.54
N LEU A 12 21.52 13.67 -6.62
CA LEU A 12 22.57 12.67 -6.70
C LEU A 12 22.46 11.57 -5.63
N GLY A 13 22.76 10.34 -5.96
CA GLY A 13 22.81 9.31 -4.94
C GLY A 13 21.74 8.24 -5.00
N PHE A 14 21.64 7.63 -3.83
CA PHE A 14 20.84 6.46 -3.68
C PHE A 14 19.41 6.82 -3.25
N TRP A 15 18.45 6.28 -4.00
CA TRP A 15 17.05 6.56 -3.78
C TRP A 15 16.33 5.22 -3.67
N TYR A 16 15.37 5.08 -2.79
CA TYR A 16 14.59 3.87 -2.63
C TYR A 16 13.24 3.95 -3.37
N GLU A 17 12.82 2.98 -4.16
CA GLU A 17 11.55 3.15 -4.84
C GLU A 17 10.40 2.68 -3.92
N ILE A 18 9.62 3.59 -3.39
CA ILE A 18 8.53 3.30 -2.44
C ILE A 18 7.25 2.77 -3.09
N ALA A 19 6.79 3.44 -4.14
CA ALA A 19 5.55 3.05 -4.77
C ALA A 19 5.64 3.40 -6.27
N PHE A 20 4.77 2.76 -7.06
CA PHE A 20 4.60 3.15 -8.47
C PHE A 20 3.14 3.00 -8.84
N ALA A 21 2.75 3.62 -9.92
CA ALA A 21 1.37 3.64 -10.38
C ALA A 21 1.46 3.22 -11.86
N SER A 22 0.77 2.15 -12.25
CA SER A 22 0.83 1.72 -13.64
C SER A 22 -0.50 1.15 -14.05
N LYS A 23 -0.85 1.37 -15.33
CA LYS A 23 -2.07 0.80 -15.86
C LYS A 23 -1.88 -0.63 -16.25
CA MET A 24 -0.35 -2.26 -17.28
CA GLY A 25 -0.22 -4.65 -14.35
CA THR A 26 0.77 -8.04 -15.95
CA PRO A 27 1.92 -8.47 -12.84
CA GLY A 28 5.27 -6.77 -13.29
CA LEU A 29 7.05 -6.34 -9.92
CA ALA A 30 5.85 -9.49 -8.03
CA HIS A 31 4.20 -12.74 -9.44
CA LYS A 32 4.37 -13.88 -5.84
N GLU A 33 5.79 -12.38 -4.49
CA GLU A 33 5.98 -11.18 -3.71
C GLU A 33 6.79 -10.11 -4.44
N GLU A 34 6.42 -8.90 -4.04
CA GLU A 34 6.96 -7.64 -4.50
C GLU A 34 8.31 -7.53 -3.84
N LYS A 35 9.35 -7.01 -4.47
CA LYS A 35 10.54 -6.64 -3.72
C LYS A 35 10.74 -5.13 -3.95
N MET A 36 11.18 -4.36 -2.96
CA MET A 36 11.45 -2.95 -3.23
C MET A 36 12.53 -2.68 -4.31
N GLY A 37 12.37 -1.58 -5.02
CA GLY A 37 13.32 -1.16 -6.03
C GLY A 37 14.20 -0.08 -5.42
N ALA A 38 15.18 0.41 -6.18
CA ALA A 38 16.12 1.43 -5.73
C ALA A 38 16.79 2.01 -6.96
N MET A 39 17.48 3.10 -6.77
CA MET A 39 18.06 3.79 -7.88
C MET A 39 19.29 4.56 -7.41
N VAL A 40 20.29 4.57 -8.29
CA VAL A 40 21.48 5.35 -8.06
C VAL A 40 21.57 6.33 -9.23
N VAL A 41 21.66 7.61 -8.85
CA VAL A 41 21.85 8.72 -9.77
C VAL A 41 23.32 9.24 -9.72
N GLU A 42 24.09 9.19 -10.80
CA GLU A 42 25.42 9.75 -10.84
C GLU A 42 25.33 10.68 -12.05
N LEU A 43 26.26 11.60 -12.03
CA LEU A 43 26.40 12.62 -13.05
C LEU A 43 27.72 12.23 -13.66
N LYS A 44 27.63 11.77 -14.90
CA LYS A 44 28.78 11.32 -15.62
C LYS A 44 28.89 12.06 -16.94
N GLU A 45 29.92 12.89 -17.06
CA GLU A 45 30.23 13.69 -18.25
C GLU A 45 29.07 14.45 -18.84
N ASN A 46 28.41 15.20 -17.95
CA ASN A 46 27.22 16.04 -18.27
C ASN A 46 25.99 15.22 -18.69
N LEU A 47 26.03 13.89 -18.55
CA LEU A 47 24.90 13.04 -18.77
C LEU A 47 24.59 12.47 -17.40
N LEU A 48 23.36 12.05 -17.24
CA LEU A 48 22.95 11.50 -15.98
C LEU A 48 23.03 9.99 -16.23
N ALA A 49 23.88 9.36 -15.45
CA ALA A 49 24.15 7.94 -15.55
C ALA A 49 23.27 7.41 -14.42
N LEU A 50 22.54 6.31 -14.64
CA LEU A 50 21.52 5.83 -13.73
C LEU A 50 21.60 4.32 -13.67
N THR A 51 21.46 3.77 -12.47
CA THR A 51 21.44 2.34 -12.31
C THR A 51 20.25 2.07 -11.39
N THR A 52 19.22 1.39 -11.88
CA THR A 52 18.06 1.00 -11.09
C THR A 52 18.08 -0.47 -10.82
N THR A 53 17.39 -0.88 -9.78
CA THR A 53 17.14 -2.31 -9.60
C THR A 53 15.64 -2.44 -9.40
N TYR A 54 15.05 -3.58 -9.72
CA TYR A 54 13.66 -3.90 -9.39
C TYR A 54 13.47 -5.40 -9.58
N TYR A 55 12.39 -5.89 -9.02
CA TYR A 55 12.05 -7.30 -9.20
C TYR A 55 11.18 -7.48 -10.45
N SER A 56 11.44 -8.58 -11.14
CA SER A 56 10.71 -8.91 -12.35
C SER A 56 10.76 -10.43 -12.38
N GLU A 57 9.58 -11.07 -12.38
CA GLU A 57 9.38 -12.51 -12.44
C GLU A 57 10.59 -13.37 -12.11
N ASP A 58 10.54 -13.66 -10.82
CA ASP A 58 11.56 -14.42 -10.10
C ASP A 58 12.92 -13.74 -9.97
N HIS A 59 13.30 -12.66 -10.64
CA HIS A 59 14.65 -12.15 -10.50
C HIS A 59 14.76 -10.64 -10.29
N CYS A 60 15.80 -10.15 -9.57
CA CYS A 60 16.08 -8.71 -9.36
C CYS A 60 16.77 -8.15 -10.59
N VAL A 61 16.12 -7.47 -11.53
CA VAL A 61 16.82 -6.84 -12.64
C VAL A 61 17.74 -5.64 -12.27
N LEU A 62 18.92 -5.54 -12.90
CA LEU A 62 19.75 -4.38 -12.77
C LEU A 62 19.86 -3.68 -14.13
N GLU A 63 19.43 -2.41 -14.29
CA GLU A 63 19.47 -1.67 -15.56
C GLU A 63 20.40 -0.48 -15.43
N LYS A 64 21.44 -0.31 -16.26
CA LYS A 64 22.31 0.89 -16.23
C LYS A 64 21.98 1.76 -17.46
N VAL A 65 21.59 3.02 -17.31
CA VAL A 65 21.07 3.81 -18.40
C VAL A 65 21.71 5.19 -18.39
N THR A 66 21.61 5.92 -19.52
CA THR A 66 22.07 7.29 -19.66
C THR A 66 20.94 8.23 -20.09
N ALA A 67 20.83 9.39 -19.47
CA ALA A 67 19.77 10.36 -19.70
C ALA A 67 20.46 11.70 -20.04
N THR A 68 19.96 12.38 -21.06
CA THR A 68 20.40 13.69 -21.53
C THR A 68 19.30 14.67 -21.18
N GLU A 69 19.63 15.89 -20.72
CA GLU A 69 18.61 16.81 -20.22
C GLU A 69 17.82 17.34 -21.38
N GLY A 70 16.52 17.35 -21.20
CA GLY A 70 15.64 17.63 -22.29
C GLY A 70 14.87 18.90 -22.08
N ASP A 71 15.30 19.99 -22.69
CA ASP A 71 14.61 21.29 -22.64
C ASP A 71 14.20 21.75 -21.24
N GLY A 72 15.32 22.04 -20.59
CA GLY A 72 15.28 22.50 -19.24
C GLY A 72 14.49 21.51 -18.39
N PRO A 73 13.76 22.09 -17.46
CA PRO A 73 14.20 22.14 -16.06
C PRO A 73 14.39 20.71 -15.51
N ALA A 74 13.31 19.99 -15.22
CA ALA A 74 13.44 18.68 -14.60
C ALA A 74 12.90 17.60 -15.56
N LYS A 75 13.19 17.81 -16.86
CA LYS A 75 12.74 16.90 -17.91
C LYS A 75 14.01 16.28 -18.48
N PHE A 76 13.98 14.96 -18.52
CA PHE A 76 15.09 14.16 -18.98
C PHE A 76 14.47 13.23 -20.01
N GLN A 77 15.34 12.66 -20.84
CA GLN A 77 15.02 11.81 -21.98
C GLN A 77 16.11 10.74 -22.03
N VAL A 78 15.69 9.52 -22.29
CA VAL A 78 16.53 8.34 -22.30
C VAL A 78 16.30 7.73 -23.71
N THR A 79 17.30 7.78 -24.56
CA THR A 79 17.09 7.22 -25.88
C THR A 79 17.66 5.82 -25.88
N ARG A 80 16.75 4.85 -25.90
CA ARG A 80 17.17 3.48 -26.02
C ARG A 80 17.11 3.05 -27.48
N LEU A 81 17.44 1.82 -27.97
CA LEU A 81 17.47 1.54 -29.41
C LEU A 81 16.10 1.78 -29.99
N SER A 82 16.12 3.06 -30.45
CA SER A 82 15.01 3.94 -30.88
C SER A 82 13.69 3.57 -30.23
N GLY A 83 13.82 3.65 -28.91
CA GLY A 83 12.77 3.43 -27.96
C GLY A 83 13.00 4.53 -26.92
N LYS A 84 12.25 5.63 -27.00
CA LYS A 84 12.49 6.71 -26.06
C LYS A 84 11.76 6.55 -24.74
N LYS A 85 12.31 7.13 -23.67
CA LYS A 85 11.57 7.33 -22.44
C LYS A 85 11.72 8.82 -22.13
N GLU A 86 10.70 9.35 -21.47
CA GLU A 86 10.55 10.75 -21.11
C GLU A 86 10.27 10.72 -19.61
N VAL A 87 11.16 11.27 -18.79
CA VAL A 87 10.96 11.32 -17.38
C VAL A 87 11.09 12.75 -16.89
N VAL A 88 10.03 13.08 -16.15
CA VAL A 88 9.76 14.41 -15.65
C VAL A 88 9.65 14.33 -14.15
N VAL A 89 10.27 15.25 -13.43
CA VAL A 89 10.06 15.34 -11.99
C VAL A 89 8.76 16.13 -11.70
N GLU A 90 7.71 15.45 -11.30
CA GLU A 90 6.45 16.07 -11.05
C GLU A 90 6.44 16.90 -9.79
N ALA A 91 6.97 16.32 -8.71
CA ALA A 91 6.99 16.96 -7.41
C ALA A 91 8.16 16.45 -6.58
N THR A 92 8.60 17.28 -5.65
CA THR A 92 9.73 17.02 -4.77
C THR A 92 9.76 18.10 -3.70
N ASP A 93 10.13 17.68 -2.49
CA ASP A 93 10.37 18.66 -1.45
C ASP A 93 11.85 19.02 -1.39
N TYR A 94 12.67 18.54 -2.34
CA TYR A 94 14.11 18.77 -2.46
C TYR A 94 14.97 18.20 -1.35
N LEU A 95 14.35 17.37 -0.48
CA LEU A 95 15.05 16.81 0.65
C LEU A 95 14.76 15.35 0.93
N THR A 96 13.49 14.89 1.02
CA THR A 96 13.21 13.48 1.30
C THR A 96 12.69 12.65 0.14
N TYR A 97 11.85 13.16 -0.76
CA TYR A 97 11.22 12.33 -1.81
C TYR A 97 11.22 12.98 -3.22
N ALA A 98 10.89 12.28 -4.30
CA ALA A 98 10.62 12.88 -5.61
C ALA A 98 9.67 11.96 -6.33
N ILE A 99 8.61 12.60 -6.85
CA ILE A 99 7.68 11.88 -7.69
C ILE A 99 8.02 12.20 -9.15
N ILE A 100 8.21 11.09 -9.87
CA ILE A 100 8.65 11.00 -11.25
C ILE A 100 7.56 10.51 -12.23
N ASP A 101 7.52 11.07 -13.43
CA ASP A 101 6.58 10.65 -14.45
C ASP A 101 7.37 10.16 -15.65
N ILE A 102 7.18 8.90 -16.00
CA ILE A 102 7.88 8.20 -17.08
C ILE A 102 6.87 7.86 -18.21
N THR A 103 7.17 8.34 -19.43
CA THR A 103 6.45 7.90 -20.60
C THR A 103 7.49 7.13 -21.40
N SER A 104 7.22 5.88 -21.71
CA SER A 104 8.18 5.12 -22.46
C SER A 104 7.55 4.54 -23.72
N LEU A 105 8.42 4.42 -24.73
CA LEU A 105 8.07 3.76 -25.98
C LEU A 105 9.03 2.57 -26.05
N VAL A 106 8.42 1.46 -25.71
CA VAL A 106 9.12 0.22 -25.76
C VAL A 106 8.57 -0.40 -27.04
N ALA A 107 9.34 -0.18 -28.14
CA ALA A 107 9.11 -0.71 -29.47
C ALA A 107 7.65 -0.81 -29.95
N GLY A 108 7.06 0.38 -30.02
CA GLY A 108 5.68 0.50 -30.38
C GLY A 108 4.85 0.81 -29.14
N ALA A 109 4.99 -0.09 -28.16
CA ALA A 109 4.19 -0.03 -26.95
C ALA A 109 4.50 1.21 -26.18
N VAL A 110 3.43 1.97 -25.91
CA VAL A 110 3.51 3.14 -25.05
C VAL A 110 3.19 2.66 -23.64
N HIS A 111 3.89 3.17 -22.63
CA HIS A 111 3.72 2.86 -21.22
C HIS A 111 3.85 4.17 -20.44
N ARG A 112 2.95 4.40 -19.51
CA ARG A 112 2.89 5.65 -18.77
C ARG A 112 2.88 5.20 -17.30
N THR A 113 4.01 5.46 -16.66
CA THR A 113 4.35 5.09 -15.28
C THR A 113 4.59 6.29 -14.39
N MET A 114 4.15 6.23 -13.14
CA MET A 114 4.53 7.24 -12.18
C MET A 114 5.24 6.56 -11.02
N LYS A 115 6.27 7.13 -10.37
CA LYS A 115 6.92 6.51 -9.21
C LYS A 115 7.26 7.51 -8.15
N LEU A 116 7.36 6.94 -6.96
CA LEU A 116 7.72 7.69 -5.77
C LEU A 116 9.04 7.14 -5.21
N TYR A 117 10.04 7.99 -5.32
CA TYR A 117 11.35 7.67 -4.77
C TYR A 117 11.57 8.46 -3.48
N SER A 118 12.33 7.83 -2.59
CA SER A 118 12.61 8.37 -1.27
C SER A 118 14.02 8.10 -0.78
N ARG A 119 14.61 9.08 -0.10
CA ARG A 119 15.95 8.87 0.51
C ARG A 119 15.86 7.88 1.70
N SER A 120 14.67 7.52 2.22
CA SER A 120 14.49 6.73 3.43
C SER A 120 13.39 5.65 3.28
N LEU A 121 13.48 4.53 4.01
CA LEU A 121 12.45 3.47 3.95
C LEU A 121 11.32 3.70 4.99
N ASP A 122 11.44 4.78 5.76
CA ASP A 122 10.63 4.98 6.92
C ASP A 122 9.99 6.37 6.80
N ASP A 123 8.89 6.64 7.51
CA ASP A 123 8.08 7.87 7.45
C ASP A 123 7.88 8.56 6.10
N ASN A 124 7.22 7.80 5.25
CA ASN A 124 6.97 8.21 3.89
C ASN A 124 5.46 8.49 3.73
N GLY A 125 4.73 8.66 4.83
CA GLY A 125 3.29 8.95 4.83
C GLY A 125 2.85 10.24 4.07
N GLU A 126 3.47 11.41 4.27
CA GLU A 126 3.13 12.67 3.60
C GLU A 126 3.39 12.53 2.11
N ALA A 127 4.58 11.99 1.77
CA ALA A 127 4.98 11.73 0.38
C ALA A 127 3.96 10.76 -0.26
N LEU A 128 3.55 9.72 0.47
CA LEU A 128 2.62 8.78 -0.06
C LEU A 128 1.25 9.39 -0.28
N TYR A 129 0.83 10.29 0.59
CA TYR A 129 -0.44 10.95 0.41
C TYR A 129 -0.44 11.87 -0.81
N ASN A 130 0.64 12.59 -1.01
CA ASN A 130 0.80 13.40 -2.21
C ASN A 130 0.84 12.53 -3.49
N PHE A 131 1.41 11.32 -3.41
CA PHE A 131 1.50 10.47 -4.60
C PHE A 131 0.09 10.11 -5.03
N ARG A 132 -0.76 9.79 -4.03
CA ARG A 132 -2.13 9.39 -4.30
C ARG A 132 -2.91 10.58 -4.91
N LYS A 133 -2.71 11.83 -4.43
CA LYS A 133 -3.36 13.00 -5.07
C LYS A 133 -2.86 13.24 -6.50
N ILE A 134 -1.55 13.20 -6.66
CA ILE A 134 -1.04 13.50 -7.97
C ILE A 134 -1.42 12.40 -8.96
N THR A 135 -1.37 11.11 -8.64
CA THR A 135 -1.64 10.11 -9.63
C THR A 135 -3.12 10.09 -9.93
N SER A 136 -4.01 10.46 -9.01
CA SER A 136 -5.41 10.46 -9.37
C SER A 136 -5.57 11.60 -10.35
N ASP A 137 -4.87 12.74 -10.16
CA ASP A 137 -4.88 13.83 -11.12
C ASP A 137 -4.34 13.45 -12.48
N HIS A 138 -3.44 12.47 -12.59
CA HIS A 138 -2.92 12.05 -13.87
C HIS A 138 -3.72 10.89 -14.48
N GLY A 139 -4.87 10.60 -13.90
CA GLY A 139 -5.69 9.58 -14.49
C GLY A 139 -5.48 8.16 -13.98
N PHE A 140 -4.93 7.96 -12.81
CA PHE A 140 -4.74 6.62 -12.31
C PHE A 140 -5.68 6.47 -11.15
N SER A 141 -6.21 5.27 -11.02
CA SER A 141 -7.04 5.00 -9.89
C SER A 141 -6.25 4.28 -8.81
N GLU A 142 -6.83 4.24 -7.60
CA GLU A 142 -6.28 3.55 -6.40
C GLU A 142 -5.83 2.11 -6.66
N THR A 143 -6.59 1.50 -7.56
CA THR A 143 -6.35 0.16 -8.05
C THR A 143 -5.05 0.05 -8.84
N ASP A 144 -4.60 1.16 -9.43
CA ASP A 144 -3.34 1.21 -10.16
C ASP A 144 -2.10 1.48 -9.31
N LEU A 145 -2.17 1.70 -7.99
CA LEU A 145 -0.98 2.05 -7.23
C LEU A 145 -0.42 0.83 -6.51
N TYR A 146 0.89 0.58 -6.64
CA TYR A 146 1.56 -0.54 -5.94
C TYR A 146 2.57 -0.03 -4.93
N ILE A 147 2.32 -0.30 -3.64
CA ILE A 147 3.21 0.09 -2.53
C ILE A 147 4.20 -1.10 -2.39
N LEU A 148 5.48 -0.87 -2.56
CA LEU A 148 6.47 -1.93 -2.55
C LEU A 148 6.64 -2.57 -1.19
N LYS A 149 6.63 -3.89 -1.14
CA LYS A 149 6.88 -4.64 0.09
C LYS A 149 8.33 -4.37 0.54
N HIS A 150 8.62 -4.30 1.84
CA HIS A 150 10.01 -4.04 2.24
C HIS A 150 10.92 -5.26 2.27
N ASP A 151 10.97 -6.04 1.19
CA ASP A 151 11.98 -7.06 1.08
C ASP A 151 13.07 -6.30 0.33
N LEU A 152 14.27 -6.29 0.92
CA LEU A 152 15.47 -5.57 0.46
C LEU A 152 16.50 -6.24 -0.42
N THR A 153 16.32 -7.52 -0.78
CA THR A 153 17.26 -8.27 -1.60
C THR A 153 17.87 -7.57 -2.81
N CYS A 154 17.00 -6.95 -3.59
CA CYS A 154 17.38 -6.14 -4.75
C CYS A 154 18.16 -4.89 -4.32
N VAL A 155 17.80 -4.25 -3.19
CA VAL A 155 18.42 -3.01 -2.70
C VAL A 155 19.85 -3.36 -2.36
N LYS A 156 19.91 -4.49 -1.65
CA LYS A 156 21.20 -4.93 -1.20
C LYS A 156 22.14 -5.30 -2.32
N VAL A 157 21.53 -5.84 -3.39
CA VAL A 157 22.31 -6.15 -4.55
C VAL A 157 22.83 -4.84 -5.09
N LEU A 158 21.98 -3.82 -5.30
CA LEU A 158 22.43 -2.53 -5.79
C LEU A 158 23.42 -1.84 -4.81
N GLN A 159 23.31 -1.96 -3.48
CA GLN A 159 24.22 -1.28 -2.58
C GLN A 159 25.64 -1.71 -2.86
N SER A 160 25.78 -3.04 -3.11
CA SER A 160 27.08 -3.65 -3.25
C SER A 160 27.91 -3.14 -4.42
N ALA A 161 27.25 -2.85 -5.55
CA ALA A 161 28.01 -2.38 -6.69
C ALA A 161 27.22 -1.71 -7.78
N ALA A 162 26.56 -2.54 -8.58
CA ALA A 162 25.92 -2.09 -9.81
C ALA A 162 24.57 -2.79 -9.93
N ALA B 1 -15.28 4.45 25.43
CA ALA B 1 -14.83 3.75 24.23
C ALA B 1 -13.80 4.69 23.61
N VAL B 2 -13.21 4.48 22.42
CA VAL B 2 -12.37 5.55 21.93
C VAL B 2 -13.26 6.48 21.15
N VAL B 3 -14.01 6.16 20.09
CA VAL B 3 -14.98 7.16 19.63
C VAL B 3 -16.19 7.00 20.60
N LYS B 4 -16.75 8.13 21.08
CA LYS B 4 -17.79 8.03 22.07
C LYS B 4 -19.25 8.40 21.72
N ASP B 5 -19.65 8.49 20.45
CA ASP B 5 -21.03 8.78 20.06
C ASP B 5 -21.43 7.90 18.88
N PHE B 6 -20.94 6.69 19.05
CA PHE B 6 -21.02 5.64 18.06
C PHE B 6 -22.43 5.06 18.03
N ASP B 7 -22.94 4.68 16.86
CA ASP B 7 -24.18 3.93 16.78
C ASP B 7 -23.90 2.91 15.69
N ILE B 8 -24.07 1.63 16.06
CA ILE B 8 -23.84 0.54 15.14
C ILE B 8 -24.72 0.63 13.89
N SER B 9 -25.93 1.24 14.06
CA SER B 9 -26.85 1.54 12.96
C SER B 9 -26.19 2.16 11.75
N LYS B 10 -25.13 2.91 12.04
CA LYS B 10 -24.41 3.63 11.02
C LYS B 10 -23.45 2.75 10.25
N PHE B 11 -23.20 1.53 10.70
CA PHE B 11 -22.08 0.70 10.24
C PHE B 11 -22.44 -0.66 9.69
N LEU B 12 -23.72 -0.89 9.47
CA LEU B 12 -24.18 -2.19 9.04
C LEU B 12 -23.85 -2.41 7.57
N GLY B 13 -23.77 -3.65 7.07
CA GLY B 13 -23.56 -3.90 5.66
C GLY B 13 -22.16 -4.37 5.29
N PHE B 14 -21.75 -3.91 4.13
CA PHE B 14 -20.54 -4.38 3.54
C PHE B 14 -19.37 -3.41 3.76
N TRP B 15 -18.22 -3.99 4.05
CA TRP B 15 -16.99 -3.24 4.22
C TRP B 15 -15.81 -3.98 3.63
N TYR B 16 -14.92 -3.32 2.92
CA TYR B 16 -13.66 -3.94 2.49
C TYR B 16 -12.56 -3.71 3.57
N GLU B 17 -11.64 -4.67 3.70
CA GLU B 17 -10.50 -4.45 4.55
C GLU B 17 -9.35 -3.91 3.66
N ILE B 18 -9.01 -2.64 3.83
CA ILE B 18 -8.06 -1.90 3.01
C ILE B 18 -6.58 -2.02 3.41
N ALA B 19 -6.36 -2.14 4.73
CA ALA B 19 -5.05 -2.25 5.32
C ALA B 19 -5.18 -2.86 6.71
N PHE B 20 -4.06 -3.38 7.23
CA PHE B 20 -3.91 -3.77 8.64
C PHE B 20 -2.43 -3.63 9.10
N ALA B 21 -2.24 -3.52 10.39
CA ALA B 21 -0.92 -3.49 11.02
C ALA B 21 -0.82 -4.63 12.02
N SER B 22 0.27 -5.36 11.94
CA SER B 22 0.54 -6.48 12.82
C SER B 22 2.06 -6.51 13.01
N LYS B 23 2.62 -6.93 14.15
CA LYS B 23 4.07 -6.87 14.32
C LYS B 23 4.77 -8.18 14.08
CA MET B 24 6.85 -9.13 13.03
CA GLY B 25 5.14 -12.57 12.29
CA THR B 26 5.52 -13.05 8.57
CA PRO B 27 3.83 -13.44 5.94
CA GLY B 28 0.97 -12.19 8.21
CA LEU B 29 -0.63 -10.55 5.14
CA ALA B 30 -1.65 -13.54 3.08
CA HIS B 31 0.80 -16.40 2.56
CA LYS B 32 1.97 -15.87 -1.17
N GLU B 33 -0.07 -14.63 -2.05
CA GLU B 33 -0.69 -13.65 -2.95
C GLU B 33 -1.63 -12.84 -2.07
N GLU B 34 -1.59 -11.50 -2.14
CA GLU B 34 -2.51 -10.72 -1.35
C GLU B 34 -3.78 -10.58 -2.17
N LYS B 35 -4.83 -10.96 -1.45
CA LYS B 35 -6.22 -10.96 -1.86
C LYS B 35 -6.95 -10.14 -0.80
N MET B 36 -7.66 -9.17 -1.35
CA MET B 36 -8.52 -8.28 -0.60
C MET B 36 -9.50 -9.04 0.30
N GLY B 37 -9.54 -8.50 1.52
CA GLY B 37 -10.39 -9.01 2.57
C GLY B 37 -11.63 -8.13 2.64
N ALA B 38 -12.66 -8.67 3.31
CA ALA B 38 -13.92 -7.94 3.49
C ALA B 38 -14.77 -8.52 4.63
N MET B 39 -15.78 -7.72 5.00
CA MET B 39 -16.70 -8.09 6.03
C MET B 39 -18.14 -7.63 5.80
N VAL B 40 -19.08 -8.42 6.30
CA VAL B 40 -20.50 -8.09 6.34
C VAL B 40 -20.87 -7.98 7.85
N VAL B 41 -21.49 -6.88 8.25
CA VAL B 41 -21.95 -6.66 9.61
C VAL B 41 -23.48 -6.71 9.68
N GLU B 42 -23.94 -7.64 10.49
CA GLU B 42 -25.34 -7.86 10.68
C GLU B 42 -25.72 -7.67 12.14
N LEU B 43 -26.88 -7.09 12.38
CA LEU B 43 -27.36 -6.89 13.71
C LEU B 43 -28.42 -7.94 13.97
N LYS B 44 -28.18 -8.95 14.82
CA LYS B 44 -29.23 -9.94 15.05
C LYS B 44 -30.11 -9.39 16.15
N GLU B 45 -29.89 -9.57 17.45
CA GLU B 45 -30.53 -8.77 18.49
C GLU B 45 -29.67 -9.17 19.62
N ASN B 46 -29.08 -8.14 20.24
CA ASN B 46 -28.08 -8.28 21.29
C ASN B 46 -26.78 -8.81 20.69
N LEU B 47 -26.72 -9.13 19.39
CA LEU B 47 -25.54 -9.73 18.76
C LEU B 47 -25.23 -9.09 17.43
N LEU B 48 -23.97 -9.02 17.13
CA LEU B 48 -23.40 -8.56 15.86
C LEU B 48 -22.91 -9.84 15.22
N ALA B 49 -23.50 -10.17 14.07
CA ALA B 49 -23.09 -11.33 13.32
C ALA B 49 -22.21 -10.75 12.21
N LEU B 50 -20.98 -11.23 12.18
CA LEU B 50 -20.01 -10.74 11.23
C LEU B 50 -19.65 -11.91 10.33
N THR B 51 -19.49 -11.68 9.04
CA THR B 51 -19.06 -12.75 8.16
C THR B 51 -17.94 -12.09 7.41
N THR B 52 -16.79 -12.76 7.45
CA THR B 52 -15.52 -12.30 6.87
C THR B 52 -15.04 -13.22 5.78
N THR B 53 -14.29 -12.73 4.83
CA THR B 53 -13.59 -13.62 3.96
C THR B 53 -12.12 -13.23 4.04
N TYR B 54 -11.19 -14.19 4.00
CA TYR B 54 -9.76 -13.91 3.85
C TYR B 54 -9.09 -15.10 3.12
N TYR B 55 -7.91 -14.92 2.55
CA TYR B 55 -7.22 -16.00 1.86
C TYR B 55 -6.47 -16.87 2.83
N SER B 56 -6.79 -18.15 2.98
CA SER B 56 -5.98 -19.01 3.83
C SER B 56 -5.17 -19.96 2.91
N GLU B 57 -4.30 -19.25 2.17
CA GLU B 57 -3.45 -19.72 1.07
C GLU B 57 -4.21 -20.71 0.17
N ASP B 58 -4.50 -21.97 0.52
CA ASP B 58 -5.25 -22.88 -0.36
C ASP B 58 -6.62 -22.40 -0.84
N HIS B 59 -7.38 -21.56 -0.13
CA HIS B 59 -8.69 -21.08 -0.57
C HIS B 59 -9.07 -19.74 0.11
N CYS B 60 -10.18 -19.13 -0.30
CA CYS B 60 -10.76 -17.99 0.39
C CYS B 60 -11.66 -18.63 1.43
N VAL B 61 -11.48 -18.20 2.67
CA VAL B 61 -12.36 -18.70 3.72
C VAL B 61 -13.46 -17.69 4.05
N LEU B 62 -14.68 -18.21 4.19
CA LEU B 62 -15.74 -17.44 4.77
C LEU B 62 -15.78 -17.95 6.20
N GLU B 63 -15.78 -17.04 7.14
CA GLU B 63 -15.89 -17.39 8.54
C GLU B 63 -17.02 -16.56 9.15
N LYS B 64 -18.02 -17.08 9.80
CA LYS B 64 -19.04 -16.26 10.40
C LYS B 64 -18.72 -16.24 11.88
N VAL B 65 -19.00 -15.19 12.62
CA VAL B 65 -18.58 -15.14 14.00
C VAL B 65 -19.53 -14.19 14.72
N THR B 66 -19.63 -14.21 16.03
CA THR B 66 -20.50 -13.26 16.65
C THR B 66 -19.80 -12.27 17.59
N ALA B 67 -20.30 -11.07 17.76
CA ALA B 67 -19.71 -10.19 18.72
C ALA B 67 -20.79 -9.62 19.62
N THR B 68 -20.41 -9.35 20.88
CA THR B 68 -21.26 -8.68 21.88
C THR B 68 -20.66 -7.34 22.32
N GLU B 69 -21.47 -6.44 22.88
CA GLU B 69 -20.95 -5.16 23.38
C GLU B 69 -20.18 -5.38 24.67
N GLY B 70 -19.14 -4.58 24.92
CA GLY B 70 -18.36 -4.75 26.13
C GLY B 70 -18.00 -3.46 26.89
N ASP B 71 -19.03 -2.68 27.25
CA ASP B 71 -19.01 -1.38 27.96
C ASP B 71 -18.09 -0.27 27.45
N GLY B 72 -18.86 0.76 27.25
CA GLY B 72 -18.32 1.89 26.52
C GLY B 72 -18.82 1.61 25.10
N PRO B 73 -19.19 2.68 24.38
CA PRO B 73 -19.94 2.58 23.11
C PRO B 73 -19.25 1.77 21.99
N ALA B 74 -18.13 2.25 21.48
CA ALA B 74 -17.33 1.58 20.45
C ALA B 74 -16.59 0.30 20.88
N LYS B 75 -17.00 -0.52 21.87
CA LYS B 75 -16.21 -1.70 22.27
C LYS B 75 -17.02 -2.98 22.16
N PHE B 76 -16.38 -3.99 21.58
CA PHE B 76 -17.04 -5.23 21.29
C PHE B 76 -16.13 -6.32 21.77
N GLN B 77 -16.70 -7.48 22.03
CA GLN B 77 -15.94 -8.62 22.50
C GLN B 77 -16.36 -9.79 21.61
N VAL B 78 -15.42 -10.60 21.13
CA VAL B 78 -15.79 -11.79 20.37
C VAL B 78 -15.01 -12.93 20.99
N THR B 79 -15.61 -14.09 21.25
CA THR B 79 -14.84 -15.15 21.89
C THR B 79 -14.73 -16.22 20.84
N ARG B 80 -13.58 -16.82 20.68
CA ARG B 80 -13.50 -17.88 19.72
C ARG B 80 -12.89 -19.05 20.49
N LEU B 81 -12.88 -20.32 20.05
CA LEU B 81 -12.13 -21.38 20.73
C LEU B 81 -10.62 -21.12 20.71
N SER B 82 -10.15 -20.22 19.83
CA SER B 82 -8.75 -19.83 19.72
C SER B 82 -8.33 -18.78 20.75
N GLY B 83 -9.31 -18.04 21.28
CA GLY B 83 -9.07 -17.02 22.29
C GLY B 83 -10.15 -15.94 22.15
N LYS B 84 -10.10 -14.96 23.05
CA LYS B 84 -11.00 -13.82 23.08
C LYS B 84 -10.36 -12.63 22.35
N LYS B 85 -11.21 -11.75 21.84
CA LYS B 85 -10.78 -10.49 21.24
C LYS B 85 -11.59 -9.29 21.71
N GLU B 86 -10.85 -8.26 22.06
CA GLU B 86 -11.39 -6.98 22.44
C GLU B 86 -11.16 -6.14 21.18
N VAL B 87 -12.25 -5.62 20.56
CA VAL B 87 -12.07 -4.71 19.44
C VAL B 87 -12.71 -3.38 19.79
N VAL B 88 -11.99 -2.35 19.47
CA VAL B 88 -12.36 -1.01 19.81
C VAL B 88 -12.37 -0.13 18.55
N VAL B 89 -13.33 0.77 18.33
CA VAL B 89 -13.22 1.70 17.22
C VAL B 89 -12.48 2.97 17.70
N GLU B 90 -11.29 3.02 17.14
CA GLU B 90 -10.36 4.09 17.28
C GLU B 90 -10.81 5.31 16.50
N ALA B 91 -11.21 5.20 15.23
CA ALA B 91 -11.58 6.41 14.49
C ALA B 91 -12.53 6.12 13.38
N THR B 92 -13.29 7.17 13.07
CA THR B 92 -14.26 7.10 12.01
C THR B 92 -14.78 8.49 11.69
N ASP B 93 -15.02 8.58 10.39
CA ASP B 93 -15.75 9.71 9.92
C ASP B 93 -17.28 9.46 9.91
N TYR B 94 -17.76 8.28 10.35
CA TYR B 94 -19.18 7.93 10.35
C TYR B 94 -19.78 7.78 8.94
N LEU B 95 -18.98 7.98 7.89
CA LEU B 95 -19.48 7.91 6.54
C LEU B 95 -18.74 6.95 5.58
N THR B 96 -17.41 6.92 5.52
CA THR B 96 -16.73 6.08 4.56
C THR B 96 -15.74 5.04 5.11
N TYR B 97 -15.30 5.18 6.37
CA TYR B 97 -14.26 4.34 6.87
C TYR B 97 -14.37 4.19 8.39
N ALA B 98 -13.66 3.17 8.89
CA ALA B 98 -13.49 2.96 10.34
C ALA B 98 -12.12 2.32 10.61
N ILE B 99 -11.38 2.84 11.60
CA ILE B 99 -10.12 2.23 12.06
C ILE B 99 -10.38 1.50 13.39
N ILE B 100 -10.15 0.19 13.34
CA ILE B 100 -10.37 -0.76 14.44
C ILE B 100 -9.05 -1.21 15.11
N ASP B 101 -9.09 -1.36 16.44
CA ASP B 101 -7.98 -1.83 17.25
C ASP B 101 -8.38 -3.18 17.85
N ILE B 102 -7.64 -4.24 17.60
CA ILE B 102 -7.94 -5.60 18.04
C ILE B 102 -6.84 -6.14 19.01
N THR B 103 -7.26 -6.40 20.26
CA THR B 103 -6.41 -6.98 21.28
C THR B 103 -6.94 -8.40 21.26
N SER B 104 -6.04 -9.31 20.99
CA SER B 104 -6.38 -10.69 20.71
C SER B 104 -5.87 -11.51 21.87
N LEU B 105 -6.35 -12.76 21.96
CA LEU B 105 -5.83 -13.63 23.00
C LEU B 105 -5.43 -15.05 22.54
N VAL B 106 -5.34 -15.25 21.24
CA VAL B 106 -5.09 -16.56 20.64
C VAL B 106 -3.93 -17.35 21.21
N ALA B 107 -4.40 -18.16 22.16
CA ALA B 107 -3.61 -19.05 23.00
C ALA B 107 -2.36 -18.52 23.72
N GLY B 108 -1.98 -17.24 23.58
CA GLY B 108 -0.79 -16.71 24.24
C GLY B 108 -0.22 -15.43 23.61
N ALA B 109 -0.45 -15.13 22.33
CA ALA B 109 0.12 -13.91 21.78
C ALA B 109 -0.67 -12.73 22.27
N VAL B 110 -0.18 -12.00 23.28
CA VAL B 110 -0.85 -10.77 23.75
C VAL B 110 -0.59 -9.73 22.64
N HIS B 111 -1.27 -9.88 21.50
CA HIS B 111 -0.98 -8.99 20.41
C HIS B 111 -2.14 -8.17 19.96
N ARG B 112 -1.71 -7.07 19.38
CA ARG B 112 -2.58 -6.13 18.74
C ARG B 112 -2.37 -6.06 17.24
N THR B 113 -3.52 -5.83 16.61
CA THR B 113 -3.62 -5.62 15.18
C THR B 113 -4.58 -4.46 15.00
N MET B 114 -4.22 -3.57 14.08
CA MET B 114 -5.15 -2.50 13.77
C MET B 114 -5.61 -2.74 12.35
N LYS B 115 -6.87 -2.48 12.00
CA LYS B 115 -7.40 -2.65 10.64
C LYS B 115 -8.20 -1.45 10.15
N LEU B 116 -8.04 -1.17 8.89
CA LEU B 116 -8.78 -0.11 8.27
C LEU B 116 -9.86 -0.72 7.37
N TYR B 117 -11.10 -0.37 7.72
CA TYR B 117 -12.26 -0.74 6.91
C TYR B 117 -12.77 0.46 6.15
N SER B 118 -13.11 0.14 4.92
CA SER B 118 -13.71 1.15 4.09
C SER B 118 -14.90 0.59 3.34
N ARG B 119 -15.71 1.61 3.11
CA ARG B 119 -16.93 1.44 2.37
C ARG B 119 -16.59 1.28 0.90
N SER B 120 -15.41 1.73 0.45
CA SER B 120 -15.15 1.84 -0.96
C SER B 120 -13.73 1.43 -1.32
N LEU B 121 -13.50 1.17 -2.60
CA LEU B 121 -12.25 0.78 -3.19
C LEU B 121 -11.44 1.92 -3.82
N ASP B 122 -11.98 3.11 -3.89
CA ASP B 122 -11.22 4.25 -4.40
C ASP B 122 -11.30 5.35 -3.35
N ASP B 123 -10.55 6.40 -3.57
CA ASP B 123 -10.54 7.56 -2.69
C ASP B 123 -10.32 7.32 -1.20
N ASN B 124 -9.42 6.34 -0.95
CA ASN B 124 -9.08 5.96 0.43
C ASN B 124 -7.92 6.76 0.98
N GLY B 125 -7.49 7.80 0.26
CA GLY B 125 -6.34 8.67 0.53
C GLY B 125 -6.21 9.18 1.96
N GLU B 126 -7.23 9.92 2.35
CA GLU B 126 -7.28 10.54 3.66
C GLU B 126 -7.42 9.46 4.76
N ALA B 127 -8.18 8.37 4.56
CA ALA B 127 -8.35 7.29 5.55
C ALA B 127 -6.97 6.64 5.76
N LEU B 128 -6.29 6.39 4.65
CA LEU B 128 -4.98 5.77 4.73
C LEU B 128 -3.96 6.63 5.43
N TYR B 129 -4.10 7.93 5.23
CA TYR B 129 -3.23 8.91 5.84
C TYR B 129 -3.38 8.85 7.39
N ASN B 130 -4.65 8.84 7.80
CA ASN B 130 -4.97 8.75 9.21
C ASN B 130 -4.44 7.46 9.81
N PHE B 131 -4.63 6.37 9.05
CA PHE B 131 -4.31 5.07 9.53
C PHE B 131 -2.82 5.05 9.80
N ARG B 132 -2.02 5.57 8.85
CA ARG B 132 -0.58 5.66 9.08
C ARG B 132 -0.30 6.52 10.30
N LYS B 133 -0.96 7.65 10.53
CA LYS B 133 -0.66 8.41 11.77
C LYS B 133 -1.00 7.68 13.07
N ILE B 134 -2.19 7.11 13.20
CA ILE B 134 -2.63 6.34 14.39
C ILE B 134 -1.75 5.10 14.62
N THR B 135 -1.43 4.30 13.56
CA THR B 135 -0.66 3.08 13.77
C THR B 135 0.72 3.50 14.26
N SER B 136 1.22 4.62 13.75
CA SER B 136 2.50 5.19 14.15
C SER B 136 2.50 5.47 15.65
N ASP B 137 1.53 6.24 16.14
CA ASP B 137 1.58 6.52 17.55
C ASP B 137 1.08 5.37 18.42
N HIS B 138 0.77 4.20 17.85
CA HIS B 138 0.42 3.03 18.63
C HIS B 138 1.55 2.00 18.56
N GLY B 139 2.77 2.36 18.11
CA GLY B 139 3.85 1.39 18.14
C GLY B 139 4.14 0.69 16.83
N PHE B 140 3.56 1.09 15.72
CA PHE B 140 3.86 0.36 14.51
C PHE B 140 4.75 1.18 13.60
N SER B 141 5.64 0.44 12.97
CA SER B 141 6.49 1.01 11.97
C SER B 141 5.79 0.80 10.64
N GLU B 142 6.26 1.56 9.61
CA GLU B 142 5.80 1.47 8.22
C GLU B 142 5.96 0.04 7.76
N THR B 143 7.01 -0.64 8.25
CA THR B 143 7.21 -2.06 7.96
C THR B 143 6.02 -2.95 8.37
N ASP B 144 5.35 -2.59 9.47
CA ASP B 144 4.24 -3.38 10.00
C ASP B 144 2.92 -3.12 9.31
N LEU B 145 2.85 -2.19 8.35
CA LEU B 145 1.57 -1.93 7.74
C LEU B 145 1.52 -2.82 6.54
N TYR B 146 0.31 -3.23 6.25
CA TYR B 146 -0.03 -4.11 5.13
C TYR B 146 -1.18 -3.50 4.36
N ILE B 147 -0.88 -2.89 3.21
CA ILE B 147 -1.92 -2.28 2.35
C ILE B 147 -2.40 -3.41 1.45
N LEU B 148 -3.62 -3.88 1.56
CA LEU B 148 -4.11 -5.05 0.83
C LEU B 148 -4.21 -4.94 -0.69
N LYS B 149 -3.81 -6.03 -1.39
CA LYS B 149 -3.79 -6.01 -2.85
C LYS B 149 -5.21 -6.16 -3.31
N HIS B 150 -5.53 -5.43 -4.38
CA HIS B 150 -6.88 -5.34 -4.91
C HIS B 150 -7.30 -6.56 -5.70
N ASP B 151 -6.87 -7.75 -5.29
CA ASP B 151 -7.31 -8.97 -5.90
C ASP B 151 -8.60 -9.27 -5.11
N LEU B 152 -9.77 -9.36 -5.76
CA LEU B 152 -11.08 -9.44 -5.08
C LEU B 152 -11.78 -10.79 -5.12
N THR B 153 -11.04 -11.86 -5.36
CA THR B 153 -11.63 -13.18 -5.53
C THR B 153 -12.41 -13.62 -4.27
N CYS B 154 -11.83 -13.52 -3.06
CA CYS B 154 -12.53 -13.82 -1.79
C CYS B 154 -13.71 -12.88 -1.59
N VAL B 155 -13.45 -11.59 -1.81
CA VAL B 155 -14.50 -10.56 -1.72
C VAL B 155 -15.75 -10.89 -2.54
N LYS B 156 -15.62 -11.27 -3.81
CA LYS B 156 -16.76 -11.56 -4.63
C LYS B 156 -17.50 -12.79 -4.11
N VAL B 157 -16.75 -13.71 -3.49
CA VAL B 157 -17.41 -14.89 -2.90
C VAL B 157 -18.21 -14.39 -1.68
N LEU B 158 -17.69 -13.38 -0.91
CA LEU B 158 -18.41 -12.86 0.25
C LEU B 158 -19.65 -12.13 -0.20
N GLN B 159 -19.47 -11.15 -1.13
CA GLN B 159 -20.58 -10.38 -1.71
C GLN B 159 -21.69 -11.33 -2.15
N SER B 160 -21.33 -12.37 -2.89
CA SER B 160 -22.32 -13.25 -3.46
C SER B 160 -22.96 -14.17 -2.46
N ALA B 161 -22.26 -14.59 -1.42
CA ALA B 161 -22.86 -15.45 -0.43
C ALA B 161 -23.88 -14.62 0.31
N ALA B 162 -23.51 -13.37 0.60
CA ALA B 162 -24.45 -12.47 1.24
C ALA B 162 -25.58 -12.00 0.31
N GLU B 163 -25.30 -11.86 -0.99
CA GLU B 163 -26.25 -11.38 -1.96
C GLU B 163 -27.29 -12.47 -2.19
N SER B 164 -26.87 -13.72 -2.29
CA SER B 164 -27.77 -14.76 -2.68
C SER B 164 -27.32 -16.08 -2.10
#